data_7BAR
#
_entry.id   7BAR
#
_cell.length_a   51.781
_cell.length_b   71.775
_cell.length_c   97.325
_cell.angle_alpha   90.000
_cell.angle_beta   90.000
_cell.angle_gamma   90.000
#
_symmetry.space_group_name_H-M   'P 21 21 21'
#
loop_
_entity.id
_entity.type
_entity.pdbx_description
1 polymer 'cAMP-dependent protein kinase catalytic subunit alpha'
2 non-polymer (S,E)-3-(2-(3-bromo-4-hydroxybenzylidene)hydrazineyl)-2-(3-chlorophenyl)-3-oxopropan-1-aminium
3 water water
#
_entity_poly.entity_id   1
_entity_poly.type   'polypeptide(L)'
_entity_poly.pdbx_seq_one_letter_code
;GHMGNAAAAKKGSEQESVKEFLAKAKEEFLKKWESPSQNTAQLDHFDRIKTLGTGSFGRVMLVKHKETGNHYAMKILDKQ
KVVKLKQIEHTLNEKRILQAVNFPFLVKLEFSFKDNSNLYMVMEYVPGGEMFSHLRRIGRF(SEP)EPHARFYAAQIVLT
FEYLHSLDLIYRDLKPENLLIDQQGYIQVTDFGFAKRVKGRTW(TPO)LCGTPEYLAPEIILSKGYNKAVDWWALGVLIY
EMAAGYPPFFADQPIQIYEKIVSGKVRFPSHFSSDLKDLLRNLLQVDLTKRFGNLKNGVNDIKNHKWFATTDWIAIYQRK
VEAPFIPKFKGPGDTSNFDDYEEEEIRV(SEP)INEKCGKEFTEF
;
_entity_poly.pdbx_strand_id   A
#
loop_
_chem_comp.id
_chem_comp.type
_chem_comp.name
_chem_comp.formula
T82 non-polymer (S,E)-3-(2-(3-bromo-4-hydroxybenzylidene)hydrazineyl)-2-(3-chlorophenyl)-3-oxopropan-1-aminium 'C16 H15 Br Cl N3 O2'
#
# COMPACT_ATOMS: atom_id res chain seq x y z
N GLU A 16 8.81 20.03 17.88
CA GLU A 16 10.19 19.92 17.42
C GLU A 16 10.55 18.46 17.35
N SER A 17 9.95 17.66 18.23
CA SER A 17 10.25 16.23 18.23
C SER A 17 9.86 15.59 16.91
N VAL A 18 8.70 15.97 16.36
CA VAL A 18 8.26 15.43 15.08
C VAL A 18 9.14 15.96 13.95
N LYS A 19 9.47 17.25 14.00
CA LYS A 19 10.34 17.83 13.00
C LYS A 19 11.67 17.10 12.94
N GLU A 20 12.30 16.88 14.09
CA GLU A 20 13.61 16.22 14.08
C GLU A 20 13.47 14.78 13.63
N PHE A 21 12.37 14.12 13.99
CA PHE A 21 12.14 12.78 13.51
C PHE A 21 12.10 12.73 11.99
N LEU A 22 11.31 13.62 11.37
CA LEU A 22 11.16 13.57 9.92
C LEU A 22 12.43 14.04 9.21
N ALA A 23 13.19 14.96 9.82
CA ALA A 23 14.46 15.36 9.23
C ALA A 23 15.43 14.18 9.14
N LYS A 24 15.52 13.39 10.23
CA LYS A 24 16.39 12.21 10.20
C LYS A 24 15.85 11.18 9.23
N ALA A 25 14.53 11.00 9.19
CA ALA A 25 13.96 10.05 8.25
C ALA A 25 14.32 10.42 6.82
N LYS A 26 14.28 11.71 6.48
CA LYS A 26 14.60 12.11 5.12
C LYS A 26 16.09 11.93 4.84
N GLU A 27 16.95 12.25 5.79
CA GLU A 27 18.39 12.03 5.62
C GLU A 27 18.66 10.58 5.27
N GLU A 28 18.06 9.66 6.03
CA GLU A 28 18.34 8.24 5.85
C GLU A 28 17.76 7.74 4.55
N PHE A 29 16.56 8.19 4.20
CA PHE A 29 15.96 7.82 2.92
C PHE A 29 16.83 8.29 1.76
N LEU A 30 17.28 9.54 1.79
CA LEU A 30 18.01 10.06 0.64
C LEU A 30 19.33 9.31 0.44
N LYS A 31 20.00 8.92 1.50
CA LYS A 31 21.25 8.19 1.32
C LYS A 31 21.02 6.87 0.57
N LYS A 32 19.99 6.13 0.96
CA LYS A 32 19.66 4.89 0.24
C LYS A 32 19.08 5.16 -1.15
N TRP A 33 18.31 6.22 -1.30
CA TRP A 33 17.76 6.59 -2.60
C TRP A 33 18.87 6.86 -3.61
N GLU A 34 19.92 7.55 -3.17
CA GLU A 34 21.00 7.95 -4.06
C GLU A 34 21.93 6.80 -4.38
N SER A 35 22.01 5.79 -3.53
CA SER A 35 22.88 4.64 -3.73
C SER A 35 22.11 3.35 -3.47
N PRO A 36 21.23 2.94 -4.39
CA PRO A 36 20.35 1.80 -4.11
C PRO A 36 21.11 0.48 -4.06
N SER A 37 20.61 -0.43 -3.22
CA SER A 37 21.15 -1.78 -3.24
C SER A 37 20.66 -2.51 -4.49
N GLN A 38 21.49 -3.42 -4.96
CA GLN A 38 21.19 -4.24 -6.14
C GLN A 38 21.74 -5.64 -5.92
N ASN A 39 21.03 -6.62 -6.48
CA ASN A 39 21.57 -7.97 -6.67
C ASN A 39 22.03 -8.60 -5.36
N THR A 40 21.13 -8.64 -4.37
CA THR A 40 21.51 -9.09 -3.04
C THR A 40 21.10 -10.53 -2.73
N ALA A 41 20.53 -11.26 -3.68
CA ALA A 41 20.29 -12.70 -3.53
C ALA A 41 20.16 -13.29 -4.93
N GLN A 42 19.79 -14.56 -5.02
CA GLN A 42 19.50 -15.19 -6.31
C GLN A 42 18.43 -16.25 -6.11
N LEU A 43 17.80 -16.64 -7.21
CA LEU A 43 16.59 -17.47 -7.11
C LEU A 43 16.86 -18.79 -6.42
N ASP A 44 17.96 -19.45 -6.73
CA ASP A 44 18.24 -20.78 -6.18
C ASP A 44 18.68 -20.75 -4.72
N HIS A 45 18.66 -19.58 -4.07
CA HIS A 45 18.78 -19.54 -2.62
C HIS A 45 17.47 -19.88 -1.91
N PHE A 46 16.38 -20.01 -2.66
CA PHE A 46 15.05 -20.18 -2.09
C PHE A 46 14.34 -21.41 -2.65
N ASP A 47 13.49 -22.00 -1.81
CA ASP A 47 12.52 -23.01 -2.20
C ASP A 47 11.17 -22.34 -2.40
N ARG A 48 10.45 -22.74 -3.44
CA ARG A 48 9.11 -22.26 -3.73
C ARG A 48 8.11 -23.03 -2.90
N ILE A 49 7.19 -22.32 -2.23
CA ILE A 49 6.19 -22.95 -1.37
C ILE A 49 4.77 -22.84 -1.96
N LYS A 50 4.34 -21.64 -2.33
N LYS A 50 4.31 -21.63 -2.28
CA LYS A 50 2.96 -21.44 -2.72
CA LYS A 50 2.92 -21.44 -2.68
C LYS A 50 2.84 -20.12 -3.45
C LYS A 50 2.73 -20.08 -3.33
N THR A 51 1.85 -20.03 -4.33
CA THR A 51 1.49 -18.76 -4.95
C THR A 51 0.48 -18.05 -4.03
N LEU A 52 0.82 -16.81 -3.64
CA LEU A 52 -0.02 -16.01 -2.76
C LEU A 52 -0.83 -14.95 -3.48
N GLY A 53 -0.43 -14.58 -4.69
CA GLY A 53 -1.13 -13.54 -5.39
C GLY A 53 -0.69 -13.48 -6.83
N THR A 54 -1.53 -12.87 -7.67
CA THR A 54 -1.20 -12.73 -9.07
C THR A 54 -1.53 -11.32 -9.54
N GLY A 55 -0.81 -10.94 -10.61
CA GLY A 55 -1.12 -9.74 -11.37
C GLY A 55 -0.92 -9.98 -12.85
N SER A 56 -1.27 -8.96 -13.64
N SER A 56 -1.26 -8.97 -13.65
CA SER A 56 -1.18 -9.09 -15.09
CA SER A 56 -1.17 -9.08 -15.09
C SER A 56 0.26 -9.30 -15.56
C SER A 56 0.27 -9.22 -15.59
N PHE A 57 1.26 -8.90 -14.77
CA PHE A 57 2.65 -9.06 -15.19
C PHE A 57 3.52 -9.71 -14.12
N GLY A 58 2.93 -10.37 -13.14
CA GLY A 58 3.74 -11.13 -12.23
C GLY A 58 2.93 -11.88 -11.21
N ARG A 59 3.64 -12.34 -10.19
CA ARG A 59 3.06 -13.18 -9.15
C ARG A 59 3.79 -12.89 -7.85
N VAL A 60 3.15 -13.20 -6.74
CA VAL A 60 3.80 -13.16 -5.43
C VAL A 60 3.77 -14.57 -4.85
N MET A 61 4.93 -15.04 -4.42
N MET A 61 4.92 -15.06 -4.41
CA MET A 61 5.13 -16.40 -3.95
CA MET A 61 5.07 -16.44 -3.97
C MET A 61 5.57 -16.38 -2.49
C MET A 61 5.68 -16.50 -2.57
N LEU A 62 5.12 -17.36 -1.72
CA LEU A 62 5.79 -17.69 -0.47
C LEU A 62 6.99 -18.56 -0.82
N VAL A 63 8.16 -18.18 -0.30
CA VAL A 63 9.39 -18.93 -0.49
C VAL A 63 10.05 -19.11 0.87
N LYS A 64 11.00 -20.05 0.93
CA LYS A 64 11.77 -20.31 2.13
C LYS A 64 13.24 -20.28 1.75
N HIS A 65 14.01 -19.50 2.47
CA HIS A 65 15.44 -19.47 2.25
C HIS A 65 16.06 -20.77 2.71
N LYS A 66 16.87 -21.38 1.83
CA LYS A 66 17.33 -22.75 2.08
C LYS A 66 18.37 -22.86 3.17
N GLU A 67 19.10 -21.80 3.48
CA GLU A 67 20.10 -21.89 4.53
C GLU A 67 19.58 -21.43 5.89
N THR A 68 18.83 -20.32 5.93
CA THR A 68 18.33 -19.82 7.20
C THR A 68 16.99 -20.42 7.61
N GLY A 69 16.21 -20.92 6.64
CA GLY A 69 14.88 -21.38 6.93
C GLY A 69 13.85 -20.30 7.01
N ASN A 70 14.23 -19.03 6.77
CA ASN A 70 13.28 -17.95 6.88
C ASN A 70 12.33 -17.94 5.71
N HIS A 71 11.07 -17.62 5.99
CA HIS A 71 10.07 -17.42 4.95
C HIS A 71 10.05 -15.98 4.49
N TYR A 72 9.76 -15.79 3.20
CA TYR A 72 9.61 -14.48 2.60
C TYR A 72 8.51 -14.52 1.56
N ALA A 73 7.99 -13.33 1.24
CA ALA A 73 7.12 -13.16 0.09
C ALA A 73 7.97 -12.64 -1.06
N MET A 74 7.99 -13.35 -2.18
CA MET A 74 8.80 -13.00 -3.32
C MET A 74 7.89 -12.54 -4.44
N LYS A 75 8.00 -11.26 -4.79
CA LYS A 75 7.28 -10.74 -5.95
C LYS A 75 8.16 -10.92 -7.18
N ILE A 76 7.61 -11.57 -8.19
CA ILE A 76 8.30 -11.90 -9.43
C ILE A 76 7.58 -11.20 -10.56
N LEU A 77 8.27 -10.33 -11.27
CA LEU A 77 7.69 -9.58 -12.38
C LEU A 77 8.34 -9.99 -13.69
N ASP A 78 7.52 -10.26 -14.69
CA ASP A 78 7.99 -10.68 -16.02
C ASP A 78 8.41 -9.44 -16.80
N LYS A 79 9.71 -9.33 -17.10
CA LYS A 79 10.23 -8.12 -17.73
C LYS A 79 9.52 -7.83 -19.05
N GLN A 80 9.30 -8.85 -19.87
CA GLN A 80 8.69 -8.62 -21.17
C GLN A 80 7.27 -8.08 -21.01
N LYS A 81 6.52 -8.59 -20.04
CA LYS A 81 5.16 -8.10 -19.81
C LYS A 81 5.17 -6.69 -19.22
N VAL A 82 6.19 -6.36 -18.42
CA VAL A 82 6.31 -5.01 -17.89
C VAL A 82 6.55 -4.02 -19.01
N VAL A 83 7.42 -4.38 -19.95
CA VAL A 83 7.66 -3.53 -21.11
C VAL A 83 6.37 -3.35 -21.90
N LYS A 84 5.71 -4.47 -22.25
CA LYS A 84 4.51 -4.39 -23.08
C LYS A 84 3.44 -3.51 -22.44
N LEU A 85 3.26 -3.62 -21.13
CA LEU A 85 2.25 -2.84 -20.42
C LEU A 85 2.78 -1.50 -19.92
N LYS A 86 3.92 -1.04 -20.47
CA LYS A 86 4.44 0.30 -20.21
C LYS A 86 4.59 0.60 -18.72
N GLN A 87 5.06 -0.41 -17.97
CA GLN A 87 5.23 -0.28 -16.53
C GLN A 87 6.70 -0.19 -16.11
N ILE A 88 7.61 0.14 -17.03
CA ILE A 88 9.03 0.10 -16.70
C ILE A 88 9.36 1.06 -15.56
N GLU A 89 9.01 2.33 -15.73
N GLU A 89 9.01 2.34 -15.72
CA GLU A 89 9.31 3.35 -14.72
CA GLU A 89 9.38 3.29 -14.68
C GLU A 89 8.67 2.97 -13.39
C GLU A 89 8.67 2.99 -13.37
N HIS A 90 7.43 2.49 -13.42
CA HIS A 90 6.75 2.13 -12.18
C HIS A 90 7.48 1.01 -11.46
N THR A 91 8.00 0.02 -12.20
CA THR A 91 8.70 -1.07 -11.52
C THR A 91 10.04 -0.60 -10.95
N LEU A 92 10.72 0.32 -11.65
CA LEU A 92 11.94 0.88 -11.09
C LEU A 92 11.64 1.75 -9.87
N ASN A 93 10.57 2.55 -9.93
CA ASN A 93 10.13 3.32 -8.77
C ASN A 93 9.94 2.39 -7.58
N GLU A 94 9.18 1.32 -7.80
CA GLU A 94 8.77 0.45 -6.71
C GLU A 94 9.99 -0.06 -5.96
N LYS A 95 10.96 -0.62 -6.67
CA LYS A 95 12.10 -1.21 -5.99
C LYS A 95 13.01 -0.13 -5.39
N ARG A 96 13.22 0.97 -6.10
CA ARG A 96 14.11 2.01 -5.57
C ARG A 96 13.52 2.62 -4.29
N ILE A 97 12.21 2.83 -4.25
CA ILE A 97 11.56 3.36 -3.05
C ILE A 97 11.63 2.35 -1.93
N LEU A 98 11.24 1.10 -2.20
CA LEU A 98 11.16 0.11 -1.15
C LEU A 98 12.51 -0.11 -0.48
N GLN A 99 13.58 -0.14 -1.27
CA GLN A 99 14.88 -0.36 -0.66
C GLN A 99 15.35 0.84 0.16
N ALA A 100 14.69 2.00 0.02
CA ALA A 100 15.13 3.20 0.71
C ALA A 100 14.29 3.60 1.91
N VAL A 101 13.10 3.04 2.10
CA VAL A 101 12.20 3.48 3.17
C VAL A 101 12.36 2.59 4.40
N ASN A 102 11.87 3.10 5.52
CA ASN A 102 11.99 2.43 6.82
C ASN A 102 10.95 3.07 7.72
N PHE A 103 9.88 2.33 8.02
CA PHE A 103 8.82 2.84 8.88
C PHE A 103 8.09 1.64 9.48
N PRO A 104 7.50 1.76 10.68
CA PRO A 104 6.97 0.56 11.33
C PRO A 104 5.85 -0.11 10.58
N PHE A 105 5.14 0.61 9.72
CA PHE A 105 3.97 0.07 9.05
C PHE A 105 4.20 -0.15 7.56
N LEU A 106 5.46 -0.23 7.13
CA LEU A 106 5.81 -0.57 5.75
C LEU A 106 6.50 -1.92 5.74
N VAL A 107 6.06 -2.81 4.84
CA VAL A 107 6.73 -4.09 4.65
C VAL A 107 8.18 -3.84 4.25
N LYS A 108 9.09 -4.60 4.82
CA LYS A 108 10.50 -4.47 4.51
C LYS A 108 10.91 -5.31 3.30
N LEU A 109 11.65 -4.67 2.39
CA LEU A 109 12.35 -5.35 1.31
C LEU A 109 13.65 -5.90 1.85
N GLU A 110 13.79 -7.22 1.81
CA GLU A 110 14.97 -7.92 2.31
C GLU A 110 16.03 -8.16 1.23
N PHE A 111 15.62 -8.52 0.01
CA PHE A 111 16.57 -8.77 -1.08
C PHE A 111 15.91 -8.36 -2.38
N SER A 112 16.75 -8.08 -3.40
CA SER A 112 16.23 -7.92 -4.75
C SER A 112 17.29 -8.41 -5.73
N PHE A 113 16.82 -8.82 -6.89
CA PHE A 113 17.71 -9.30 -7.94
C PHE A 113 16.88 -9.44 -9.21
N LYS A 114 17.56 -9.75 -10.29
CA LYS A 114 16.94 -9.96 -11.59
C LYS A 114 17.68 -11.07 -12.30
N ASP A 115 17.04 -11.67 -13.29
CA ASP A 115 17.67 -12.68 -14.10
C ASP A 115 17.25 -12.44 -15.55
N ASN A 116 17.46 -13.43 -16.41
CA ASN A 116 17.20 -13.21 -17.82
C ASN A 116 15.76 -12.81 -18.09
N SER A 117 14.80 -13.30 -17.29
CA SER A 117 13.39 -13.08 -17.57
C SER A 117 12.69 -12.14 -16.61
N ASN A 118 13.07 -12.14 -15.34
CA ASN A 118 12.21 -11.57 -14.31
C ASN A 118 12.97 -10.61 -13.40
N LEU A 119 12.17 -9.78 -12.73
CA LEU A 119 12.62 -8.97 -11.60
C LEU A 119 12.07 -9.60 -10.33
N TYR A 120 12.86 -9.54 -9.25
CA TYR A 120 12.50 -10.17 -7.99
C TYR A 120 12.65 -9.19 -6.85
N MET A 121 11.62 -9.09 -6.02
CA MET A 121 11.66 -8.36 -4.75
C MET A 121 11.24 -9.33 -3.65
N VAL A 122 12.15 -9.59 -2.72
CA VAL A 122 11.94 -10.55 -1.64
C VAL A 122 11.67 -9.73 -0.38
N MET A 123 10.45 -9.83 0.13
CA MET A 123 9.96 -9.04 1.24
C MET A 123 9.68 -9.90 2.45
N GLU A 124 9.61 -9.26 3.61
CA GLU A 124 9.09 -9.95 4.79
C GLU A 124 7.72 -10.53 4.47
N TYR A 125 7.50 -11.75 4.98
CA TYR A 125 6.23 -12.45 4.85
C TYR A 125 5.33 -12.11 6.03
N VAL A 126 4.09 -11.73 5.75
CA VAL A 126 3.13 -11.38 6.80
C VAL A 126 2.00 -12.40 6.77
N PRO A 127 2.02 -13.42 7.63
CA PRO A 127 1.08 -14.54 7.49
C PRO A 127 -0.36 -14.20 7.80
N GLY A 128 -0.65 -13.03 8.39
CA GLY A 128 -2.02 -12.72 8.78
C GLY A 128 -2.93 -12.40 7.61
N GLY A 129 -2.38 -12.12 6.45
CA GLY A 129 -3.20 -11.87 5.28
C GLY A 129 -3.64 -10.43 5.12
N GLU A 130 -4.40 -10.20 4.06
CA GLU A 130 -4.84 -8.87 3.67
C GLU A 130 -6.02 -8.40 4.51
N MET A 131 -6.01 -7.10 4.79
CA MET A 131 -7.19 -6.50 5.42
C MET A 131 -8.45 -6.79 4.63
N PHE A 132 -8.35 -6.81 3.29
CA PHE A 132 -9.50 -7.09 2.45
C PHE A 132 -10.26 -8.33 2.92
N SER A 133 -9.55 -9.43 3.14
CA SER A 133 -10.17 -10.68 3.54
C SER A 133 -10.82 -10.56 4.90
N HIS A 134 -10.12 -9.96 5.87
CA HIS A 134 -10.69 -9.83 7.21
C HIS A 134 -11.92 -8.94 7.21
N LEU A 135 -11.86 -7.83 6.46
CA LEU A 135 -13.01 -6.93 6.39
C LEU A 135 -14.21 -7.63 5.78
N ARG A 136 -14.01 -8.35 4.69
CA ARG A 136 -15.13 -9.06 4.06
C ARG A 136 -15.66 -10.16 4.96
N ARG A 137 -14.77 -10.84 5.71
CA ARG A 137 -15.21 -11.88 6.63
C ARG A 137 -16.06 -11.32 7.77
N ILE A 138 -15.61 -10.23 8.40
CA ILE A 138 -16.28 -9.64 9.56
C ILE A 138 -17.49 -8.82 9.12
N GLY A 139 -17.43 -8.23 7.94
CA GLY A 139 -18.50 -7.39 7.43
C GLY A 139 -18.10 -5.93 7.44
N ARG A 140 -18.02 -5.34 8.62
CA ARG A 140 -17.48 -4.00 8.77
C ARG A 140 -16.74 -3.94 10.10
N PHE A 141 -15.80 -3.01 10.19
CA PHE A 141 -15.09 -2.75 11.43
C PHE A 141 -15.81 -1.68 12.25
N SEP A 142 -15.81 -1.83 13.57
CA SEP A 142 -16.32 -0.75 14.41
CB SEP A 142 -16.26 -1.19 15.86
OG SEP A 142 -14.89 -1.26 16.27
C SEP A 142 -15.45 0.50 14.22
O SEP A 142 -14.34 0.42 13.69
P SEP A 142 -14.64 -2.00 17.68
O1P SEP A 142 -15.19 -3.47 17.47
O2P SEP A 142 -15.43 -1.34 18.87
O3P SEP A 142 -13.07 -2.02 17.91
N GLU A 143 -15.95 1.65 14.65
CA GLU A 143 -15.14 2.86 14.48
C GLU A 143 -13.79 2.79 15.20
N PRO A 144 -13.74 2.27 16.45
CA PRO A 144 -12.42 2.13 17.09
C PRO A 144 -11.47 1.27 16.28
N HIS A 145 -11.97 0.19 15.69
CA HIS A 145 -11.15 -0.72 14.92
C HIS A 145 -10.66 -0.05 13.64
N ALA A 146 -11.58 0.61 12.92
CA ALA A 146 -11.20 1.36 11.73
C ALA A 146 -10.20 2.45 12.08
N ARG A 147 -10.39 3.12 13.24
CA ARG A 147 -9.54 4.22 13.65
C ARG A 147 -8.12 3.75 13.96
N PHE A 148 -8.00 2.57 14.56
CA PHE A 148 -6.69 1.99 14.82
C PHE A 148 -5.90 1.82 13.50
N TYR A 149 -6.54 1.27 12.47
CA TYR A 149 -5.87 1.13 11.18
C TYR A 149 -5.65 2.48 10.51
N ALA A 150 -6.66 3.35 10.57
CA ALA A 150 -6.53 4.65 9.93
C ALA A 150 -5.37 5.44 10.51
N ALA A 151 -5.18 5.39 11.84
CA ALA A 151 -4.08 6.12 12.45
C ALA A 151 -2.74 5.69 11.89
N GLN A 152 -2.59 4.39 11.65
CA GLN A 152 -1.33 3.90 11.09
C GLN A 152 -1.12 4.39 9.67
N ILE A 153 -2.18 4.48 8.87
CA ILE A 153 -2.07 5.03 7.53
C ILE A 153 -1.74 6.52 7.58
N VAL A 154 -2.35 7.27 8.50
CA VAL A 154 -2.04 8.69 8.64
C VAL A 154 -0.55 8.88 8.92
N LEU A 155 -0.01 8.13 9.88
CA LEU A 155 1.41 8.24 10.19
C LEU A 155 2.27 7.81 9.00
N THR A 156 1.88 6.73 8.32
CA THR A 156 2.65 6.27 7.18
C THR A 156 2.66 7.30 6.06
N PHE A 157 1.52 7.94 5.77
CA PHE A 157 1.50 8.99 4.76
C PHE A 157 2.26 10.23 5.22
N GLU A 158 2.20 10.58 6.50
CA GLU A 158 3.02 11.69 6.98
C GLU A 158 4.49 11.41 6.66
N TYR A 159 4.95 10.20 6.96
CA TYR A 159 6.30 9.77 6.62
C TYR A 159 6.58 9.83 5.12
N LEU A 160 5.75 9.15 4.31
CA LEU A 160 6.02 9.07 2.88
C LEU A 160 5.98 10.46 2.24
N HIS A 161 4.97 11.25 2.57
CA HIS A 161 4.84 12.57 1.94
C HIS A 161 6.00 13.47 2.31
N SER A 162 6.54 13.32 3.52
CA SER A 162 7.67 14.14 3.91
C SER A 162 8.92 13.83 3.09
N LEU A 163 9.00 12.63 2.52
CA LEU A 163 10.05 12.21 1.60
C LEU A 163 9.72 12.52 0.15
N ASP A 164 8.65 13.27 -0.11
CA ASP A 164 8.21 13.59 -1.45
C ASP A 164 7.70 12.36 -2.20
N LEU A 165 7.19 11.37 -1.48
CA LEU A 165 6.68 10.14 -2.08
C LEU A 165 5.16 10.17 -2.03
N ILE A 166 4.53 9.82 -3.15
CA ILE A 166 3.08 9.62 -3.23
C ILE A 166 2.88 8.10 -3.37
N TYR A 167 1.92 7.55 -2.66
CA TYR A 167 1.74 6.10 -2.63
C TYR A 167 0.83 5.58 -3.75
N ARG A 168 -0.36 6.15 -3.90
CA ARG A 168 -1.20 6.01 -5.08
C ARG A 168 -1.89 4.66 -5.25
N ASP A 169 -1.92 3.80 -4.23
CA ASP A 169 -2.72 2.60 -4.36
C ASP A 169 -3.30 2.13 -3.04
N LEU A 170 -3.73 3.06 -2.19
CA LEU A 170 -4.31 2.65 -0.92
C LEU A 170 -5.63 1.95 -1.15
N LYS A 171 -5.76 0.76 -0.58
N LYS A 171 -5.75 0.75 -0.60
CA LYS A 171 -6.98 -0.04 -0.59
CA LYS A 171 -6.97 -0.06 -0.63
C LYS A 171 -6.74 -1.24 0.31
C LYS A 171 -6.74 -1.26 0.29
N PRO A 172 -7.82 -1.90 0.75
CA PRO A 172 -7.64 -2.99 1.72
C PRO A 172 -6.76 -4.13 1.26
N GLU A 173 -6.73 -4.43 -0.05
CA GLU A 173 -5.91 -5.53 -0.53
C GLU A 173 -4.43 -5.29 -0.30
N ASN A 174 -4.01 -4.04 -0.14
CA ASN A 174 -2.61 -3.70 -0.06
C ASN A 174 -2.11 -3.55 1.37
N LEU A 175 -2.96 -3.87 2.35
CA LEU A 175 -2.66 -3.66 3.75
C LEU A 175 -2.69 -5.02 4.43
N LEU A 176 -1.54 -5.52 4.83
CA LEU A 176 -1.45 -6.81 5.50
C LEU A 176 -1.53 -6.60 6.99
N ILE A 177 -2.06 -7.60 7.69
N ILE A 177 -2.03 -7.60 7.71
CA ILE A 177 -2.21 -7.57 9.14
CA ILE A 177 -2.21 -7.53 9.15
C ILE A 177 -1.14 -8.49 9.72
C ILE A 177 -1.22 -8.48 9.81
N ASP A 178 -0.30 -7.93 10.59
CA ASP A 178 0.82 -8.69 11.12
C ASP A 178 0.45 -9.41 12.42
N GLN A 179 1.45 -10.10 13.00
CA GLN A 179 1.21 -10.96 14.16
C GLN A 179 0.75 -10.17 15.37
N GLN A 180 1.03 -8.88 15.41
CA GLN A 180 0.58 -8.02 16.51
C GLN A 180 -0.74 -7.33 16.19
N GLY A 181 -1.29 -7.58 15.01
CA GLY A 181 -2.51 -6.92 14.56
C GLY A 181 -2.31 -5.56 13.93
N TYR A 182 -1.07 -5.18 13.66
CA TYR A 182 -0.79 -3.91 13.03
C TYR A 182 -0.69 -4.05 11.52
N ILE A 183 -0.79 -2.91 10.84
N ILE A 183 -0.76 -2.92 10.83
CA ILE A 183 -0.75 -2.84 9.38
CA ILE A 183 -0.78 -2.83 9.37
C ILE A 183 0.68 -2.93 8.89
C ILE A 183 0.65 -2.83 8.82
N GLN A 184 0.85 -3.60 7.75
CA GLN A 184 2.06 -3.56 6.95
C GLN A 184 1.61 -3.23 5.54
N VAL A 185 1.94 -2.04 5.06
CA VAL A 185 1.59 -1.63 3.70
C VAL A 185 2.54 -2.29 2.72
N THR A 186 1.98 -2.85 1.66
CA THR A 186 2.80 -3.36 0.58
C THR A 186 2.31 -2.82 -0.75
N ASP A 187 2.85 -3.35 -1.84
CA ASP A 187 2.43 -3.02 -3.19
C ASP A 187 2.67 -1.54 -3.49
N PHE A 188 3.95 -1.24 -3.63
CA PHE A 188 4.45 0.07 -4.01
C PHE A 188 4.58 0.25 -5.52
N GLY A 189 3.85 -0.53 -6.30
CA GLY A 189 3.98 -0.49 -7.75
C GLY A 189 3.64 0.84 -8.38
N PHE A 190 2.80 1.66 -7.73
CA PHE A 190 2.47 2.98 -8.22
C PHE A 190 3.12 4.10 -7.41
N ALA A 191 3.92 3.77 -6.41
CA ALA A 191 4.53 4.82 -5.59
C ALA A 191 5.56 5.56 -6.41
N LYS A 192 5.73 6.85 -6.14
CA LYS A 192 6.60 7.68 -6.96
C LYS A 192 7.15 8.83 -6.14
N ARG A 193 8.41 9.17 -6.38
CA ARG A 193 8.97 10.38 -5.81
C ARG A 193 8.63 11.56 -6.71
N VAL A 194 7.93 12.54 -6.15
CA VAL A 194 7.29 13.64 -6.86
C VAL A 194 7.49 14.90 -6.04
N LYS A 195 8.15 15.89 -6.62
CA LYS A 195 8.14 17.25 -6.10
C LYS A 195 7.19 18.04 -6.99
N GLY A 196 6.07 18.43 -6.43
CA GLY A 196 5.08 19.13 -7.20
C GLY A 196 3.95 18.21 -7.60
N ARG A 197 3.73 18.07 -8.90
CA ARG A 197 2.61 17.31 -9.42
C ARG A 197 3.11 16.17 -10.30
N THR A 198 2.19 15.23 -10.57
CA THR A 198 2.43 14.12 -11.49
C THR A 198 1.13 13.85 -12.23
N TRP A 199 1.20 13.04 -13.29
CA TRP A 199 0.08 12.94 -14.23
C TRP A 199 -0.43 11.54 -14.59
N TPO A 200 0.26 10.48 -14.19
CA TPO A 200 -0.10 9.15 -14.68
CB TPO A 200 0.96 8.12 -14.29
CG2 TPO A 200 0.71 6.77 -14.99
OG1 TPO A 200 2.21 8.60 -14.75
P TPO A 200 3.24 8.85 -13.53
O1P TPO A 200 4.52 9.55 -14.16
O2P TPO A 200 3.57 7.56 -12.83
O3P TPO A 200 2.57 9.87 -12.51
C TPO A 200 -1.45 8.70 -14.16
O TPO A 200 -1.76 8.80 -12.98
HA TPO A 200 -0.14 9.21 -15.65
HB TPO A 200 0.93 7.96 -13.21
HG21 TPO A 200 1.61 6.17 -14.94
HG22 TPO A 200 0.45 6.95 -16.03
HG23 TPO A 200 -0.11 6.25 -14.50
N LEU A 201 -2.27 8.16 -15.06
CA LEU A 201 -3.50 7.52 -14.70
C LEU A 201 -3.18 6.15 -14.13
N CYS A 202 -3.30 6.02 -12.82
CA CYS A 202 -3.05 4.75 -12.17
C CYS A 202 -3.75 4.78 -10.81
N GLY A 203 -3.92 3.61 -10.25
CA GLY A 203 -4.67 3.42 -9.04
C GLY A 203 -5.66 2.32 -9.25
N THR A 204 -6.72 2.33 -8.45
CA THR A 204 -7.82 1.39 -8.52
C THR A 204 -9.10 2.21 -8.57
N PRO A 205 -10.07 1.90 -9.46
CA PRO A 205 -11.16 2.85 -9.72
C PRO A 205 -11.89 3.38 -8.49
N GLU A 206 -12.31 2.52 -7.58
CA GLU A 206 -13.10 2.96 -6.44
C GLU A 206 -12.35 3.96 -5.56
N TYR A 207 -11.02 4.00 -5.66
N TYR A 207 -11.02 4.00 -5.66
CA TYR A 207 -10.18 4.78 -4.77
CA TYR A 207 -10.19 4.79 -4.76
C TYR A 207 -9.59 6.02 -5.43
C TYR A 207 -9.61 6.03 -5.43
N LEU A 208 -9.88 6.26 -6.71
CA LEU A 208 -9.28 7.39 -7.42
C LEU A 208 -9.91 8.72 -7.01
N ALA A 209 -9.05 9.69 -6.75
CA ALA A 209 -9.51 11.05 -6.51
C ALA A 209 -10.05 11.66 -7.79
N PRO A 210 -10.95 12.64 -7.66
CA PRO A 210 -11.51 13.29 -8.86
C PRO A 210 -10.45 13.84 -9.79
N GLU A 211 -9.37 14.42 -9.27
CA GLU A 211 -8.38 15.04 -10.13
C GLU A 211 -7.62 14.01 -10.95
N ILE A 212 -7.53 12.76 -10.49
CA ILE A 212 -6.96 11.72 -11.34
C ILE A 212 -7.91 11.40 -12.48
N ILE A 213 -9.19 11.21 -12.15
CA ILE A 213 -10.20 10.88 -13.16
C ILE A 213 -10.24 11.95 -14.23
N LEU A 214 -10.09 13.20 -13.84
CA LEU A 214 -10.20 14.33 -14.76
C LEU A 214 -8.89 14.67 -15.44
N SER A 215 -7.87 13.82 -15.32
CA SER A 215 -6.63 13.97 -16.08
C SER A 215 -5.87 15.23 -15.73
N LYS A 216 -5.94 15.65 -14.47
CA LYS A 216 -5.22 16.82 -14.02
C LYS A 216 -3.83 16.42 -13.52
N GLY A 217 -2.95 17.41 -13.41
CA GLY A 217 -1.77 17.23 -12.60
C GLY A 217 -2.16 17.16 -11.14
N TYR A 218 -1.73 16.12 -10.45
CA TYR A 218 -2.20 15.90 -9.10
C TYR A 218 -1.01 15.67 -8.18
N ASN A 219 -1.27 15.69 -6.88
CA ASN A 219 -0.22 15.65 -5.87
C ASN A 219 -0.64 14.70 -4.76
N LYS A 220 0.02 14.81 -3.61
CA LYS A 220 -0.22 13.93 -2.48
C LYS A 220 -1.64 13.97 -1.97
N ALA A 221 -2.41 15.01 -2.32
CA ALA A 221 -3.80 15.05 -1.89
C ALA A 221 -4.57 13.81 -2.33
N VAL A 222 -4.14 13.14 -3.40
CA VAL A 222 -4.87 11.94 -3.84
C VAL A 222 -4.77 10.83 -2.81
N ASP A 223 -3.68 10.77 -2.06
CA ASP A 223 -3.54 9.77 -1.01
C ASP A 223 -4.53 10.05 0.13
N TRP A 224 -4.75 11.33 0.45
CA TRP A 224 -5.67 11.68 1.52
C TRP A 224 -7.10 11.41 1.11
N TRP A 225 -7.43 11.64 -0.18
CA TRP A 225 -8.72 11.22 -0.70
C TRP A 225 -8.89 9.72 -0.53
N ALA A 226 -7.88 8.95 -0.94
CA ALA A 226 -7.97 7.50 -0.81
C ALA A 226 -8.13 7.07 0.63
N LEU A 227 -7.52 7.80 1.58
CA LEU A 227 -7.73 7.47 2.97
C LEU A 227 -9.20 7.64 3.37
N GLY A 228 -9.85 8.70 2.86
CA GLY A 228 -11.28 8.84 3.07
C GLY A 228 -12.05 7.65 2.56
N VAL A 229 -11.71 7.17 1.37
CA VAL A 229 -12.39 6.00 0.81
C VAL A 229 -12.16 4.79 1.71
N LEU A 230 -10.92 4.60 2.17
CA LEU A 230 -10.59 3.44 2.99
C LEU A 230 -11.35 3.50 4.32
N ILE A 231 -11.35 4.66 4.98
CA ILE A 231 -12.05 4.77 6.26
C ILE A 231 -13.53 4.49 6.07
N TYR A 232 -14.14 5.07 5.04
CA TYR A 232 -15.55 4.77 4.75
C TYR A 232 -15.75 3.28 4.57
N GLU A 233 -14.91 2.65 3.74
CA GLU A 233 -15.08 1.23 3.45
C GLU A 233 -14.89 0.39 4.70
N MET A 234 -13.88 0.69 5.52
CA MET A 234 -13.69 -0.04 6.76
C MET A 234 -14.91 0.05 7.67
N ALA A 235 -15.48 1.25 7.80
CA ALA A 235 -16.56 1.46 8.76
C ALA A 235 -17.93 1.04 8.21
N ALA A 236 -18.13 1.07 6.90
CA ALA A 236 -19.41 0.68 6.31
C ALA A 236 -19.43 -0.76 5.84
N GLY A 237 -18.29 -1.29 5.40
CA GLY A 237 -18.20 -2.60 4.80
C GLY A 237 -18.21 -2.58 3.28
N TYR A 238 -18.38 -1.41 2.67
CA TYR A 238 -18.39 -1.24 1.23
C TYR A 238 -17.90 0.17 0.94
N PRO A 239 -17.37 0.42 -0.25
CA PRO A 239 -16.79 1.72 -0.54
C PRO A 239 -17.88 2.74 -0.86
N PRO A 240 -17.55 4.03 -0.77
CA PRO A 240 -18.58 5.07 -0.94
C PRO A 240 -19.05 5.21 -2.37
N PHE A 241 -18.21 4.86 -3.34
CA PHE A 241 -18.52 5.02 -4.76
C PHE A 241 -18.37 3.64 -5.42
N PHE A 242 -19.48 3.06 -5.83
CA PHE A 242 -19.51 1.70 -6.33
C PHE A 242 -20.49 1.64 -7.48
N ALA A 243 -20.18 0.82 -8.48
CA ALA A 243 -21.05 0.63 -9.64
C ALA A 243 -20.47 -0.50 -10.48
N ASP A 244 -21.23 -0.92 -11.50
N ASP A 244 -21.28 -0.95 -11.45
CA ASP A 244 -20.83 -2.10 -12.26
CA ASP A 244 -20.88 -2.06 -12.31
C ASP A 244 -19.86 -1.77 -13.40
C ASP A 244 -19.69 -1.66 -13.18
N GLN A 245 -19.80 -0.53 -13.86
CA GLN A 245 -18.76 -0.12 -14.81
C GLN A 245 -17.90 0.99 -14.22
N PRO A 246 -16.59 1.03 -14.50
CA PRO A 246 -15.78 2.14 -13.99
C PRO A 246 -16.35 3.52 -14.30
N ILE A 247 -16.88 3.73 -15.50
CA ILE A 247 -17.39 5.04 -15.85
C ILE A 247 -18.45 5.49 -14.86
N GLN A 248 -19.28 4.54 -14.40
CA GLN A 248 -20.32 4.86 -13.43
C GLN A 248 -19.72 5.21 -12.08
N ILE A 249 -18.64 4.52 -11.70
CA ILE A 249 -17.92 4.87 -10.48
C ILE A 249 -17.37 6.29 -10.59
N TYR A 250 -16.76 6.61 -11.73
CA TYR A 250 -16.13 7.91 -11.89
C TYR A 250 -17.15 9.04 -11.82
N GLU A 251 -18.33 8.84 -12.40
CA GLU A 251 -19.36 9.86 -12.32
C GLU A 251 -19.73 10.14 -10.87
N LYS A 252 -19.82 9.10 -10.05
CA LYS A 252 -20.15 9.31 -8.64
C LYS A 252 -19.01 10.04 -7.91
N ILE A 253 -17.76 9.65 -8.19
CA ILE A 253 -16.62 10.28 -7.54
C ILE A 253 -16.59 11.78 -7.79
N VAL A 254 -16.75 12.20 -9.04
CA VAL A 254 -16.60 13.62 -9.36
C VAL A 254 -17.80 14.45 -8.91
N SER A 255 -18.91 13.82 -8.55
CA SER A 255 -20.17 14.53 -8.27
C SER A 255 -20.15 15.34 -6.98
N GLY A 256 -19.31 15.00 -6.01
CA GLY A 256 -19.34 15.69 -4.74
C GLY A 256 -20.42 15.23 -3.80
N LYS A 257 -21.04 14.07 -4.06
CA LYS A 257 -22.13 13.53 -3.28
C LYS A 257 -21.73 12.17 -2.72
N VAL A 258 -21.93 11.98 -1.42
CA VAL A 258 -21.69 10.70 -0.76
C VAL A 258 -22.79 10.52 0.28
N ARG A 259 -23.25 9.28 0.45
CA ARG A 259 -24.26 8.95 1.44
C ARG A 259 -23.58 8.19 2.56
N PHE A 260 -23.86 8.58 3.78
CA PHE A 260 -23.28 7.91 4.93
C PHE A 260 -24.32 7.02 5.61
N PRO A 261 -23.93 5.81 6.03
CA PRO A 261 -24.84 5.01 6.85
C PRO A 261 -25.22 5.74 8.13
N SER A 262 -26.44 5.49 8.59
N SER A 262 -26.44 5.51 8.60
CA SER A 262 -26.93 6.12 9.82
CA SER A 262 -26.88 6.16 9.82
C SER A 262 -26.10 5.75 11.03
C SER A 262 -26.02 5.79 11.02
N HIS A 263 -25.40 4.61 11.00
CA HIS A 263 -24.61 4.21 12.16
C HIS A 263 -23.31 4.98 12.27
N PHE A 264 -22.86 5.68 11.22
CA PHE A 264 -21.66 6.50 11.32
C PHE A 264 -21.87 7.59 12.37
N SER A 265 -20.85 7.81 13.19
CA SER A 265 -20.87 8.92 14.12
C SER A 265 -20.79 10.25 13.37
N SER A 266 -21.23 11.31 14.04
CA SER A 266 -21.11 12.64 13.46
C SER A 266 -19.64 13.00 13.19
N ASP A 267 -18.75 12.64 14.11
CA ASP A 267 -17.34 12.94 13.90
C ASP A 267 -16.80 12.21 12.67
N LEU A 268 -17.20 10.95 12.48
CA LEU A 268 -16.73 10.22 11.30
C LEU A 268 -17.22 10.89 10.03
N LYS A 269 -18.51 11.25 9.98
CA LYS A 269 -19.03 11.93 8.80
C LYS A 269 -18.28 13.23 8.53
N ASP A 270 -18.01 14.00 9.58
CA ASP A 270 -17.31 15.26 9.36
C ASP A 270 -15.90 15.04 8.80
N LEU A 271 -15.15 14.10 9.37
CA LEU A 271 -13.83 13.80 8.83
C LEU A 271 -13.92 13.37 7.37
N LEU A 272 -14.88 12.50 7.07
CA LEU A 272 -15.00 11.99 5.71
C LEU A 272 -15.38 13.07 4.72
N ARG A 273 -16.23 14.03 5.10
CA ARG A 273 -16.54 15.11 4.17
C ARG A 273 -15.31 15.93 3.83
N ASN A 274 -14.37 16.03 4.77
CA ASN A 274 -13.14 16.79 4.54
C ASN A 274 -12.05 16.00 3.83
N LEU A 275 -12.04 14.67 3.92
CA LEU A 275 -11.12 13.86 3.13
C LEU A 275 -11.67 13.60 1.73
N LEU A 276 -12.96 13.31 1.63
CA LEU A 276 -13.66 13.12 0.36
C LEU A 276 -14.15 14.46 -0.18
N GLN A 277 -13.30 15.46 -0.09
CA GLN A 277 -13.54 16.80 -0.61
C GLN A 277 -13.08 16.83 -2.06
N VAL A 278 -14.01 17.05 -2.98
CA VAL A 278 -13.69 17.01 -4.40
C VAL A 278 -12.72 18.12 -4.79
N ASP A 279 -12.77 19.27 -4.12
CA ASP A 279 -11.86 20.38 -4.41
C ASP A 279 -10.56 20.11 -3.67
N LEU A 280 -9.51 19.75 -4.42
CA LEU A 280 -8.28 19.34 -3.78
C LEU A 280 -7.65 20.45 -2.96
N THR A 281 -7.98 21.72 -3.26
CA THR A 281 -7.42 22.84 -2.52
C THR A 281 -8.09 23.03 -1.17
N LYS A 282 -9.18 22.30 -0.90
CA LYS A 282 -9.87 22.34 0.38
C LYS A 282 -9.81 21.02 1.13
N ARG A 283 -9.07 20.04 0.62
CA ARG A 283 -9.09 18.69 1.19
C ARG A 283 -8.13 18.58 2.36
N PHE A 284 -8.59 17.98 3.46
CA PHE A 284 -7.72 17.70 4.58
C PHE A 284 -6.51 16.90 4.13
N GLY A 285 -5.36 17.25 4.71
CA GLY A 285 -4.08 16.73 4.32
C GLY A 285 -3.37 17.57 3.29
N ASN A 286 -4.09 18.49 2.65
CA ASN A 286 -3.52 19.33 1.60
C ASN A 286 -3.67 20.81 1.92
N LEU A 287 -3.96 21.17 3.18
CA LEU A 287 -4.09 22.55 3.59
C LEU A 287 -2.80 23.00 4.29
N LYS A 288 -2.79 24.27 4.72
CA LYS A 288 -1.57 24.82 5.31
C LYS A 288 -1.14 24.05 6.55
N ASN A 289 -2.10 23.50 7.30
CA ASN A 289 -1.77 22.73 8.50
C ASN A 289 -1.46 21.27 8.19
N GLY A 290 -1.52 20.87 6.92
CA GLY A 290 -1.05 19.56 6.53
C GLY A 290 -1.76 18.46 7.28
N VAL A 291 -0.96 17.48 7.74
CA VAL A 291 -1.51 16.30 8.38
C VAL A 291 -2.16 16.63 9.71
N ASN A 292 -1.83 17.76 10.32
CA ASN A 292 -2.40 18.04 11.64
C ASN A 292 -3.90 18.33 11.59
N ASP A 293 -4.44 18.75 10.45
CA ASP A 293 -5.90 18.87 10.36
C ASP A 293 -6.56 17.51 10.56
N ILE A 294 -5.89 16.44 10.15
CA ILE A 294 -6.40 15.08 10.35
C ILE A 294 -6.10 14.61 11.77
N LYS A 295 -4.84 14.72 12.19
CA LYS A 295 -4.47 14.20 13.51
C LYS A 295 -5.25 14.85 14.63
N ASN A 296 -5.63 16.12 14.48
CA ASN A 296 -6.34 16.86 15.50
C ASN A 296 -7.84 16.84 15.35
N HIS A 297 -8.36 16.13 14.35
CA HIS A 297 -9.80 16.05 14.17
C HIS A 297 -10.43 15.28 15.32
N LYS A 298 -11.65 15.68 15.69
CA LYS A 298 -12.35 15.02 16.79
C LYS A 298 -12.45 13.51 16.62
N TRP A 299 -12.57 12.99 15.39
CA TRP A 299 -12.67 11.54 15.27
C TRP A 299 -11.44 10.83 15.81
N PHE A 300 -10.28 11.49 15.80
CA PHE A 300 -9.04 10.93 16.34
C PHE A 300 -8.74 11.38 17.77
N ALA A 301 -9.72 11.96 18.49
CA ALA A 301 -9.42 12.49 19.82
C ALA A 301 -8.90 11.43 20.78
N THR A 302 -9.30 10.17 20.62
CA THR A 302 -8.85 9.09 21.51
C THR A 302 -7.54 8.46 21.06
N THR A 303 -6.95 8.94 19.97
CA THR A 303 -5.76 8.32 19.42
C THR A 303 -4.50 8.91 20.05
N ASP A 304 -3.68 8.05 20.63
CA ASP A 304 -2.35 8.42 21.11
C ASP A 304 -1.38 8.13 19.97
N TRP A 305 -1.02 9.18 19.23
CA TRP A 305 -0.24 9.01 18.01
C TRP A 305 1.10 8.35 18.30
N ILE A 306 1.76 8.76 19.39
CA ILE A 306 3.05 8.18 19.74
C ILE A 306 2.91 6.71 20.10
N ALA A 307 1.85 6.36 20.85
CA ALA A 307 1.64 4.97 21.23
C ALA A 307 1.39 4.10 20.01
N ILE A 308 0.66 4.63 19.03
CA ILE A 308 0.45 3.88 17.78
C ILE A 308 1.78 3.65 17.08
N TYR A 309 2.56 4.71 16.91
CA TYR A 309 3.87 4.59 16.26
C TYR A 309 4.75 3.55 16.96
N GLN A 310 4.76 3.56 18.30
CA GLN A 310 5.57 2.65 19.09
C GLN A 310 4.95 1.27 19.23
N ARG A 311 3.77 1.05 18.65
CA ARG A 311 3.13 -0.26 18.65
C ARG A 311 2.81 -0.71 20.07
N LYS A 312 2.38 0.24 20.90
CA LYS A 312 2.06 -0.02 22.29
C LYS A 312 0.56 -0.17 22.53
N VAL A 313 -0.28 0.09 21.54
CA VAL A 313 -1.72 -0.03 21.66
C VAL A 313 -2.11 -1.49 21.36
N GLU A 314 -2.92 -2.09 22.23
CA GLU A 314 -3.38 -3.44 21.94
C GLU A 314 -4.30 -3.41 20.72
N ALA A 315 -4.05 -4.31 19.78
CA ALA A 315 -4.79 -4.28 18.53
C ALA A 315 -6.20 -4.82 18.69
N PRO A 316 -7.12 -4.39 17.83
CA PRO A 316 -8.50 -4.91 17.88
C PRO A 316 -8.59 -6.38 17.54
N PHE A 317 -7.62 -6.91 16.80
CA PHE A 317 -7.79 -8.19 16.13
C PHE A 317 -6.41 -8.75 15.84
N ILE A 318 -6.18 -10.00 16.25
CA ILE A 318 -4.95 -10.73 15.98
C ILE A 318 -5.30 -11.82 14.99
N PRO A 319 -4.75 -11.83 13.78
CA PRO A 319 -5.07 -12.90 12.84
C PRO A 319 -4.67 -14.25 13.40
N LYS A 320 -5.41 -15.27 13.00
CA LYS A 320 -5.14 -16.62 13.44
C LYS A 320 -4.25 -17.30 12.40
N PHE A 321 -3.13 -17.83 12.88
CA PHE A 321 -2.21 -18.53 12.01
C PHE A 321 -1.33 -19.38 12.91
N LYS A 322 -0.74 -20.43 12.34
CA LYS A 322 -0.06 -21.44 13.12
C LYS A 322 1.43 -21.19 13.24
N GLY A 323 2.02 -20.36 12.38
CA GLY A 323 3.45 -20.19 12.34
C GLY A 323 3.86 -19.39 11.13
N PRO A 324 5.17 -19.13 10.99
CA PRO A 324 5.63 -18.23 9.92
C PRO A 324 5.47 -18.79 8.54
N GLY A 325 5.20 -20.09 8.38
CA GLY A 325 4.94 -20.66 7.09
C GLY A 325 3.48 -20.89 6.79
N ASP A 326 2.57 -20.51 7.70
CA ASP A 326 1.16 -20.76 7.48
C ASP A 326 0.63 -19.86 6.37
N THR A 327 -0.10 -20.45 5.41
CA THR A 327 -0.75 -19.72 4.34
C THR A 327 -2.28 -19.74 4.41
N SER A 328 -2.84 -20.13 5.56
N SER A 328 -2.86 -20.16 5.54
CA SER A 328 -4.28 -20.30 5.69
CA SER A 328 -4.32 -20.30 5.60
C SER A 328 -5.07 -19.01 5.51
C SER A 328 -5.05 -18.99 5.32
N ASN A 329 -4.42 -17.85 5.60
CA ASN A 329 -5.09 -16.55 5.39
C ASN A 329 -4.99 -16.04 3.97
N PHE A 330 -4.42 -16.82 3.07
CA PHE A 330 -4.30 -16.48 1.67
C PHE A 330 -5.10 -17.46 0.83
N ASP A 331 -5.38 -17.04 -0.39
CA ASP A 331 -6.25 -17.77 -1.28
C ASP A 331 -5.44 -18.76 -2.13
N ASP A 332 -6.14 -19.67 -2.78
CA ASP A 332 -5.52 -20.69 -3.61
C ASP A 332 -5.53 -20.27 -5.07
N TYR A 333 -4.37 -20.36 -5.70
CA TYR A 333 -4.17 -20.03 -7.09
C TYR A 333 -3.57 -21.22 -7.81
N GLU A 334 -3.85 -21.34 -9.10
CA GLU A 334 -3.15 -22.31 -9.93
C GLU A 334 -1.64 -22.14 -9.78
N GLU A 335 -0.94 -23.25 -9.55
CA GLU A 335 0.51 -23.24 -9.40
C GLU A 335 1.15 -23.41 -10.77
N GLU A 336 1.64 -22.30 -11.32
CA GLU A 336 2.19 -22.27 -12.67
C GLU A 336 3.71 -22.24 -12.63
N GLU A 337 4.33 -22.74 -13.71
CA GLU A 337 5.78 -22.69 -13.81
C GLU A 337 6.24 -21.23 -13.83
N ILE A 338 7.42 -21.01 -13.25
CA ILE A 338 8.15 -19.76 -13.33
C ILE A 338 9.41 -20.04 -14.14
N ARG A 339 9.37 -19.69 -15.41
CA ARG A 339 10.46 -20.00 -16.32
C ARG A 339 11.44 -18.83 -16.41
N VAL A 340 12.71 -19.17 -16.50
CA VAL A 340 13.79 -18.23 -16.71
C VAL A 340 14.44 -18.54 -18.05
N SEP A 341 14.29 -17.63 -19.01
CA SEP A 341 14.80 -17.85 -20.35
CB SEP A 341 14.45 -16.67 -21.25
OG SEP A 341 15.11 -16.79 -22.51
C SEP A 341 16.30 -18.10 -20.38
O SEP A 341 17.05 -17.61 -19.53
P SEP A 341 14.34 -17.74 -23.57
O1P SEP A 341 14.76 -17.23 -25.03
O2P SEP A 341 12.75 -17.56 -23.37
O3P SEP A 341 14.80 -19.23 -23.25
N ILE A 342 16.72 -18.86 -21.36
CA ILE A 342 18.14 -19.10 -21.58
C ILE A 342 18.83 -17.82 -22.07
N ASN A 343 18.05 -16.87 -22.56
CA ASN A 343 18.56 -15.62 -23.12
C ASN A 343 18.02 -14.42 -22.37
N GLU A 344 18.85 -13.39 -22.25
CA GLU A 344 18.45 -12.19 -21.50
C GLU A 344 17.37 -11.44 -22.25
N LYS A 345 16.33 -11.01 -21.53
CA LYS A 345 15.28 -10.18 -22.07
C LYS A 345 15.34 -8.79 -21.45
N CYS A 346 15.23 -7.76 -22.30
CA CYS A 346 15.02 -6.39 -21.84
C CYS A 346 16.10 -5.93 -20.87
N GLY A 347 17.34 -6.33 -21.12
CA GLY A 347 18.42 -5.99 -20.22
C GLY A 347 18.58 -4.48 -20.07
N LYS A 348 18.59 -3.76 -21.18
CA LYS A 348 18.83 -2.32 -21.14
C LYS A 348 17.78 -1.62 -20.29
N GLU A 349 16.51 -2.00 -20.49
CA GLU A 349 15.41 -1.29 -19.82
C GLU A 349 15.54 -1.36 -18.30
N PHE A 350 16.09 -2.44 -17.77
CA PHE A 350 16.12 -2.67 -16.33
C PHE A 350 17.54 -2.61 -15.74
N THR A 351 18.46 -1.92 -16.42
CA THR A 351 19.84 -1.83 -15.92
C THR A 351 19.91 -1.37 -14.46
N GLU A 352 19.09 -0.40 -14.08
CA GLU A 352 19.22 0.13 -12.73
C GLU A 352 18.60 -0.76 -11.66
N PHE A 353 17.84 -1.78 -12.01
CA PHE A 353 17.17 -2.60 -11.02
C PHE A 353 18.19 -3.46 -10.28
C11 T82 B . 4.67 -8.84 1.16
C11 T82 B . 4.67 -8.90 1.16
C12 T82 B . 4.07 -9.93 1.82
C12 T82 B . 4.05 -9.95 1.88
C14 T82 B . 2.94 -10.49 1.25
C14 T82 B . 2.91 -10.52 1.35
C16 T82 B . 2.41 -10.00 0.07
C16 T82 B . 2.36 -10.09 0.15
C17 T82 B . 0.13 -7.84 -6.39
C17 T82 B . 0.24 -8.39 -6.61
C18 T82 B . 0.21 -6.54 -6.87
C18 T82 B . 0.31 -9.66 -7.17
C19 T82 B . 1.01 -6.21 -7.94
C19 T82 B . 1.06 -9.89 -8.31
C20 T82 B . 1.76 -7.19 -8.57
C20 T82 B . 1.76 -8.85 -8.91
C21 T82 B . 1.69 -8.48 -8.09
C21 T82 B . 1.68 -7.59 -8.34
C23 T82 B . 0.89 -8.82 -7.02
C23 T82 B . 0.94 -7.35 -7.21
C10 T82 B . 4.14 -8.35 -0.02
C10 T82 B . 4.11 -8.46 -0.03
C02 T82 B . -2.06 -8.86 -5.58
C02 T82 B . -2.03 -8.56 -5.55
C03 T82 B . -0.76 -8.17 -5.20
C03 T82 B . -0.57 -8.13 -5.35
C04 T82 B . 0.00 -9.07 -4.21
C04 T82 B . -0.05 -9.00 -4.20
C08 T82 B . 2.46 -8.44 -1.84
C08 T82 B . 2.41 -8.53 -1.80
C09 T82 B . 3.00 -8.92 -0.58
C09 T82 B . 2.96 -9.03 -0.55
N01 T82 B . -2.94 -9.07 -4.39
N01 T82 B . -2.75 -8.66 -4.25
N06 T82 B . 0.83 -8.39 -3.39
N06 T82 B . 0.86 -8.40 -3.42
N07 T82 B . 1.50 -9.07 -2.42
N07 T82 B . 1.38 -9.07 -2.33
O05 T82 B . -0.12 -10.30 -4.21
O05 T82 B . -0.42 -10.16 -4.03
O13 T82 B . 4.55 -10.46 2.97
O13 T82 B . 4.47 -10.38 3.09
BR T82 B . 2.09 -11.94 2.10
BR T82 B . 2.04 -11.91 2.31
CL T82 B . 2.67 -9.72 -8.85
CL T82 B . 2.52 -6.27 -9.09
#